data_6HV0
#
_entry.id   6HV0
#
_cell.length_a   144.040
_cell.length_b   46.050
_cell.length_c   86.340
_cell.angle_alpha   90.00
_cell.angle_beta   112.71
_cell.angle_gamma   90.00
#
_symmetry.space_group_name_H-M   'C 1 2 1'
#
loop_
_entity.id
_entity.type
_entity.pdbx_description
1 polymer 'Serine/threonine-protein kinase/endoribonuclease IRE1'
2 non-polymer 6-chloranyl-3-(2~{H}-indazol-5-yl)-~{N}-propan-2-yl-imidazo[1,2-b]pyridazin-8-amine
3 water water
#
_entity_poly.entity_id   1
_entity_poly.type   'polypeptide(L)'
_entity_poly.pdbx_seq_one_letter_code
;SVVIVGKISFCPKDVLGHGAEGTIVYRGMFDNRDVAVKRILPECFSFADREVQLLRESDEHPNVIRYFCTEKDRQFQYIA
IELCAATLQEYVEQKDFAHLGLEPITLLQQTTSGLAHLHSLNIVHRDLKPHNILISMPNAHGKIKAMISDFGLCKKLAVG
RHSFSRRSGVPGTEGWIAPEMLSEDCKENPTYTVDIFSAGCVFYYVISEGSHPFGKSLQRQANILLGACSLDCLHPEKHE
DVIARELIEKMIAMDPQKRPSAKHVLKHPFFWSLEKQLQFFQDVSDRIEKESLDGPIVKQLERGGRAVVKMDWRENITVP
LQTDLRKFRTYKGGSVRDLLRAMRNKKHHYRELPAEVRETLGSLPDDFVCYFTSRFPHLLAHTYRAMELCSHERLFQPYY
FHEPPEPQPPVTPDAL
;
_entity_poly.pdbx_strand_id   A
#
# COMPACT_ATOMS: atom_id res chain seq x y z
N SER A 1 -16.29 40.80 4.85
CA SER A 1 -16.75 39.48 5.27
C SER A 1 -15.58 38.53 5.51
N VAL A 2 -14.63 38.95 6.33
CA VAL A 2 -13.49 38.09 6.66
C VAL A 2 -13.11 38.23 8.14
N VAL A 3 -13.24 37.12 8.87
CA VAL A 3 -12.88 37.08 10.28
C VAL A 3 -11.39 36.80 10.44
N ILE A 4 -10.74 37.53 11.33
CA ILE A 4 -9.32 37.30 11.59
C ILE A 4 -9.08 37.06 13.07
N VAL A 5 -8.68 35.84 13.41
CA VAL A 5 -8.29 35.52 14.78
C VAL A 5 -6.83 35.04 14.78
N GLY A 6 -5.99 35.77 15.52
CA GLY A 6 -4.57 35.49 15.54
C GLY A 6 -3.96 35.39 14.15
N LYS A 7 -3.26 34.30 13.89
CA LYS A 7 -2.65 34.05 12.60
C LYS A 7 -3.64 33.36 11.66
N ILE A 8 -4.82 33.05 12.18
CA ILE A 8 -5.84 32.32 11.43
C ILE A 8 -6.87 33.26 10.83
N SER A 9 -7.15 33.08 9.54
CA SER A 9 -8.13 33.91 8.86
C SER A 9 -9.03 33.04 7.98
N PHE A 10 -10.29 33.46 7.84
CA PHE A 10 -11.24 32.71 7.03
C PHE A 10 -12.44 33.57 6.67
N CYS A 11 -13.18 33.13 5.66
CA CYS A 11 -14.42 33.79 5.26
C CYS A 11 -15.61 32.93 5.64
N PRO A 12 -16.49 33.46 6.50
CA PRO A 12 -17.67 32.76 7.04
C PRO A 12 -18.59 32.19 5.97
N LYS A 13 -18.55 32.79 4.78
CA LYS A 13 -19.30 32.32 3.62
C LYS A 13 -18.85 30.92 3.19
N ASP A 14 -17.56 30.63 3.36
CA ASP A 14 -17.00 29.37 2.88
C ASP A 14 -17.08 28.27 3.93
N VAL A 15 -18.24 27.62 4.01
CA VAL A 15 -18.44 26.50 4.91
C VAL A 15 -18.09 25.17 4.24
N LEU A 16 -17.18 24.42 4.86
CA LEU A 16 -16.75 23.13 4.30
C LEU A 16 -17.54 21.97 4.88
N GLY A 17 -18.19 22.20 6.01
CA GLY A 17 -19.01 21.17 6.62
C GLY A 17 -19.46 21.46 8.04
N HIS A 18 -20.04 20.43 8.67
CA HIS A 18 -20.59 20.59 10.01
C HIS A 18 -20.31 19.37 10.88
N GLY A 19 -20.22 19.61 12.18
CA GLY A 19 -19.98 18.55 13.13
C GLY A 19 -20.99 18.58 14.25
N ALA A 20 -20.59 18.09 15.41
CA ALA A 20 -21.47 18.02 16.56
C ALA A 20 -21.38 19.30 17.40
N GLU A 21 -22.49 19.64 18.07
CA GLU A 21 -22.55 20.76 19.00
C GLU A 21 -22.15 22.10 18.36
N GLY A 22 -22.63 22.36 17.15
CA GLY A 22 -22.39 23.62 16.49
C GLY A 22 -20.97 23.76 15.96
N THR A 23 -20.34 22.64 15.68
CA THR A 23 -19.00 22.65 15.13
C THR A 23 -19.06 22.91 13.63
N ILE A 24 -18.31 23.91 13.18
CA ILE A 24 -18.22 24.22 11.76
C ILE A 24 -16.78 24.13 11.28
N VAL A 25 -16.60 23.89 10.00
CA VAL A 25 -15.28 23.97 9.39
C VAL A 25 -15.33 24.89 8.17
N TYR A 26 -14.38 25.82 8.10
CA TYR A 26 -14.33 26.74 6.98
C TYR A 26 -13.09 26.53 6.14
N ARG A 27 -13.18 26.92 4.86
CA ARG A 27 -11.98 27.08 4.06
C ARG A 27 -11.30 28.37 4.52
N GLY A 28 -10.05 28.28 4.92
CA GLY A 28 -9.36 29.42 5.51
C GLY A 28 -7.89 29.50 5.16
N MET A 29 -7.16 30.32 5.90
CA MET A 29 -5.76 30.60 5.61
C MET A 29 -4.92 30.70 6.88
N PHE A 30 -3.68 30.23 6.81
CA PHE A 30 -2.75 30.35 7.92
C PHE A 30 -1.31 30.23 7.43
N ASP A 31 -0.48 31.22 7.78
CA ASP A 31 0.92 31.24 7.34
C ASP A 31 1.00 31.08 5.82
N ASN A 32 0.06 31.73 5.13
CA ASN A 32 -0.10 31.60 3.69
C ASN A 32 -0.35 30.17 3.21
N ARG A 33 -0.85 29.32 4.10
CA ARG A 33 -1.25 27.97 3.70
C ARG A 33 -2.76 27.89 3.58
N ASP A 34 -3.23 27.22 2.53
CA ASP A 34 -4.64 26.91 2.41
C ASP A 34 -4.99 25.82 3.41
N VAL A 35 -5.78 26.19 4.42
CA VAL A 35 -6.10 25.25 5.48
C VAL A 35 -7.60 25.19 5.76
N ALA A 36 -8.01 24.13 6.45
CA ALA A 36 -9.37 24.03 6.96
C ALA A 36 -9.40 24.63 8.37
N VAL A 37 -10.47 25.35 8.69
CA VAL A 37 -10.56 26.01 9.99
C VAL A 37 -11.77 25.50 10.77
N LYS A 38 -11.51 24.76 11.84
CA LYS A 38 -12.58 24.26 12.70
C LYS A 38 -12.74 25.17 13.92
N ARG A 39 -13.89 25.82 14.00
CA ARG A 39 -14.24 26.63 15.17
C ARG A 39 -15.06 25.80 16.15
N ILE A 40 -14.57 25.70 17.38
CA ILE A 40 -15.24 24.87 18.37
C ILE A 40 -15.35 25.55 19.72
N LEU A 41 -16.41 25.21 20.45
CA LEU A 41 -16.48 25.50 21.87
C LEU A 41 -15.46 24.61 22.57
N PRO A 42 -14.63 25.19 23.44
CA PRO A 42 -13.54 24.44 24.06
C PRO A 42 -14.03 23.30 24.94
N GLU A 43 -13.44 22.11 24.77
CA GLU A 43 -13.74 20.99 25.65
C GLU A 43 -12.90 21.06 26.91
N CYS A 44 -13.34 20.37 27.97
CA CYS A 44 -12.59 20.33 29.21
C CYS A 44 -12.06 18.93 29.48
N SER A 58 6.34 19.50 16.08
CA SER A 58 6.38 18.45 17.09
C SER A 58 7.07 17.22 16.50
N ASP A 59 6.32 16.13 16.37
CA ASP A 59 6.84 14.92 15.73
C ASP A 59 5.95 14.52 14.55
N GLU A 60 5.99 15.34 13.50
CA GLU A 60 5.04 15.20 12.40
C GLU A 60 5.61 14.41 11.23
N HIS A 61 4.74 14.10 10.28
CA HIS A 61 5.06 13.26 9.13
C HIS A 61 4.19 13.75 7.98
N PRO A 62 4.74 13.80 6.75
CA PRO A 62 3.94 14.26 5.61
C PRO A 62 2.64 13.49 5.36
N ASN A 63 2.47 12.34 6.02
CA ASN A 63 1.33 11.48 5.71
C ASN A 63 0.32 11.32 6.83
N VAL A 64 0.56 12.02 7.93
CA VAL A 64 -0.44 12.18 8.98
C VAL A 64 -0.89 13.62 8.94
N ILE A 65 -2.20 13.86 9.01
CA ILE A 65 -2.72 15.21 8.85
C ILE A 65 -2.16 16.12 9.94
N ARG A 66 -1.78 17.34 9.55
CA ARG A 66 -1.18 18.30 10.46
C ARG A 66 -2.23 19.15 11.15
N TYR A 67 -2.01 19.41 12.43
CA TYR A 67 -2.77 20.41 13.15
C TYR A 67 -1.87 21.61 13.41
N PHE A 68 -2.01 22.63 12.58
CA PHE A 68 -1.07 23.73 12.56
C PHE A 68 -1.16 24.63 13.79
N CYS A 69 -2.31 25.24 13.98
CA CYS A 69 -2.44 26.34 14.93
C CYS A 69 -3.80 26.39 15.60
N THR A 70 -3.83 26.80 16.86
CA THR A 70 -5.09 27.01 17.55
C THR A 70 -5.17 28.46 18.05
N GLU A 71 -6.32 29.08 17.84
CA GLU A 71 -6.52 30.48 18.22
C GLU A 71 -7.91 30.69 18.80
N LYS A 72 -8.01 31.57 19.79
CA LYS A 72 -9.28 31.79 20.48
C LYS A 72 -9.74 33.24 20.42
N ASP A 73 -11.06 33.43 20.35
CA ASP A 73 -11.64 34.73 20.64
C ASP A 73 -12.36 34.63 21.98
N ARG A 74 -13.41 35.43 22.19
CA ARG A 74 -14.08 35.44 23.49
C ARG A 74 -15.07 34.29 23.65
N GLN A 75 -15.24 33.49 22.61
CA GLN A 75 -16.19 32.38 22.67
C GLN A 75 -15.63 31.07 22.14
N PHE A 76 -15.06 31.11 20.94
CA PHE A 76 -14.67 29.90 20.26
C PHE A 76 -13.17 29.62 20.29
N GLN A 77 -12.82 28.39 19.94
CA GLN A 77 -11.44 28.04 19.60
C GLN A 77 -11.39 27.76 18.11
N TYR A 78 -10.43 28.38 17.42
CA TYR A 78 -10.28 28.17 15.99
C TYR A 78 -9.02 27.35 15.71
N ILE A 79 -9.22 26.15 15.16
CA ILE A 79 -8.10 25.28 14.85
C ILE A 79 -7.85 25.20 13.35
N ALA A 80 -6.60 25.42 12.96
CA ALA A 80 -6.20 25.37 11.55
C ALA A 80 -5.73 23.96 11.17
N ILE A 81 -6.50 23.32 10.28
CA ILE A 81 -6.19 21.96 9.86
C ILE A 81 -5.67 21.91 8.43
N GLU A 82 -4.67 21.07 8.19
CA GLU A 82 -4.16 20.84 6.85
C GLU A 82 -5.30 20.44 5.90
N LEU A 83 -5.49 21.25 4.86
CA LEU A 83 -6.63 21.09 3.96
C LEU A 83 -6.46 19.91 3.01
N CYS A 84 -7.56 19.19 2.77
CA CYS A 84 -7.55 18.06 1.85
C CYS A 84 -8.43 18.34 0.64
N ALA A 85 -8.14 17.67 -0.48
CA ALA A 85 -8.93 17.84 -1.69
C ALA A 85 -10.14 16.92 -1.69
N ALA A 86 -9.96 15.72 -1.17
CA ALA A 86 -11.02 14.72 -1.18
C ALA A 86 -10.78 13.61 -0.17
N THR A 87 -11.66 12.62 -0.22
CA THR A 87 -11.60 11.44 0.63
C THR A 87 -11.14 10.27 -0.24
N LEU A 88 -10.43 9.30 0.35
CA LEU A 88 -10.01 8.11 -0.37
C LEU A 88 -11.19 7.37 -1.00
N GLN A 89 -12.33 7.36 -0.30
CA GLN A 89 -13.52 6.72 -0.83
C GLN A 89 -14.04 7.46 -2.06
N GLU A 90 -13.75 8.76 -2.14
CA GLU A 90 -14.13 9.57 -3.30
C GLU A 90 -13.15 9.32 -4.44
N TYR A 91 -11.87 9.21 -4.08
CA TYR A 91 -10.82 8.86 -5.03
C TYR A 91 -11.12 7.52 -5.69
N VAL A 92 -11.46 6.53 -4.88
CA VAL A 92 -11.68 5.17 -5.36
C VAL A 92 -13.00 5.00 -6.11
N GLU A 93 -14.07 5.58 -5.60
CA GLU A 93 -15.39 5.39 -6.18
C GLU A 93 -15.63 6.26 -7.41
N GLN A 94 -15.82 7.56 -7.22
CA GLN A 94 -15.99 8.48 -8.34
C GLN A 94 -14.63 8.72 -9.00
N LYS A 95 -14.03 7.66 -9.51
CA LYS A 95 -12.69 7.73 -10.09
C LYS A 95 -12.63 8.57 -11.36
N ASP A 96 -12.74 9.88 -11.19
CA ASP A 96 -12.55 10.82 -12.29
C ASP A 96 -11.49 11.83 -11.84
N PHE A 97 -10.49 11.31 -11.15
CA PHE A 97 -9.47 12.15 -10.50
C PHE A 97 -8.17 12.19 -11.30
N GLY A 101 -2.31 12.24 -11.20
CA GLY A 101 -0.94 11.88 -11.50
C GLY A 101 -0.35 10.94 -10.47
N LEU A 102 -1.08 10.75 -9.37
CA LEU A 102 -0.63 9.87 -8.30
C LEU A 102 -1.33 8.51 -8.35
N GLU A 103 -0.53 7.44 -8.35
CA GLU A 103 -1.06 6.09 -8.58
C GLU A 103 -1.28 5.30 -7.28
N PRO A 104 -2.28 4.38 -7.29
CA PRO A 104 -2.75 3.59 -6.14
C PRO A 104 -1.68 2.97 -5.25
N ILE A 105 -0.61 2.43 -5.81
CA ILE A 105 0.43 1.80 -4.99
C ILE A 105 1.14 2.83 -4.12
N THR A 106 1.51 3.96 -4.72
CA THR A 106 2.17 5.04 -3.99
C THR A 106 1.25 5.61 -2.90
N LEU A 107 -0.04 5.67 -3.18
CA LEU A 107 -1.03 6.08 -2.20
C LEU A 107 -0.99 5.18 -0.97
N LEU A 108 -0.98 3.88 -1.21
CA LEU A 108 -0.95 2.91 -0.11
C LEU A 108 0.38 3.00 0.64
N GLN A 109 1.45 3.27 -0.08
CA GLN A 109 2.77 3.36 0.53
C GLN A 109 2.81 4.53 1.51
N GLN A 110 2.40 5.69 1.03
CA GLN A 110 2.34 6.89 1.86
C GLN A 110 1.48 6.63 3.09
N THR A 111 0.36 5.97 2.89
CA THR A 111 -0.56 5.66 3.99
C THR A 111 0.10 4.75 5.00
N THR A 112 0.86 3.77 4.51
CA THR A 112 1.53 2.83 5.40
C THR A 112 2.71 3.50 6.11
N SER A 113 3.37 4.42 5.41
CA SER A 113 4.46 5.19 6.03
C SER A 113 3.93 6.05 7.17
N GLY A 114 2.77 6.67 6.95
CA GLY A 114 2.11 7.42 8.00
C GLY A 114 1.81 6.51 9.17
N LEU A 115 1.16 5.38 8.89
CA LEU A 115 0.73 4.44 9.91
C LEU A 115 1.91 3.86 10.68
N ALA A 116 3.05 3.70 10.00
CA ALA A 116 4.24 3.17 10.63
C ALA A 116 4.81 4.20 11.59
N HIS A 117 4.71 5.46 11.18
CA HIS A 117 5.16 6.57 12.01
C HIS A 117 4.33 6.68 13.29
N LEU A 118 3.02 6.63 13.13
CA LEU A 118 2.10 6.65 14.28
C LEU A 118 2.42 5.51 15.25
N HIS A 119 2.68 4.33 14.70
CA HIS A 119 2.98 3.15 15.50
C HIS A 119 4.32 3.27 16.24
N SER A 120 5.24 4.03 15.68
CA SER A 120 6.51 4.28 16.35
C SER A 120 6.29 5.18 17.56
N LEU A 121 5.22 5.96 17.51
CA LEU A 121 4.85 6.85 18.60
C LEU A 121 3.86 6.18 19.55
N ASN A 122 3.79 4.85 19.46
CA ASN A 122 2.88 4.05 20.28
C ASN A 122 1.43 4.49 20.18
N ILE A 123 1.09 5.07 19.03
CA ILE A 123 -0.27 5.51 18.74
C ILE A 123 -0.97 4.49 17.85
N VAL A 124 -2.21 4.16 18.19
CA VAL A 124 -3.02 3.26 17.36
C VAL A 124 -4.29 3.97 16.90
N HIS A 125 -4.55 3.94 15.60
CA HIS A 125 -5.67 4.65 15.01
C HIS A 125 -7.02 4.02 15.39
N ARG A 126 -7.05 2.69 15.39
CA ARG A 126 -8.23 1.91 15.79
C ARG A 126 -9.40 1.97 14.80
N ASP A 127 -9.37 2.91 13.85
CA ASP A 127 -10.50 3.05 12.92
C ASP A 127 -10.06 3.45 11.50
N LEU A 128 -8.93 2.91 11.05
CA LEU A 128 -8.41 3.25 9.72
C LEU A 128 -9.37 2.80 8.61
N LYS A 129 -9.75 3.74 7.75
CA LYS A 129 -10.76 3.48 6.73
C LYS A 129 -10.66 4.54 5.62
N PRO A 130 -11.28 4.29 4.45
CA PRO A 130 -11.21 5.22 3.32
C PRO A 130 -11.61 6.66 3.64
N HIS A 131 -12.50 6.84 4.60
CA HIS A 131 -12.94 8.18 4.97
C HIS A 131 -11.89 8.87 5.85
N ASN A 132 -11.04 8.07 6.48
CA ASN A 132 -9.96 8.56 7.35
C ASN A 132 -8.67 8.90 6.61
N ILE A 133 -8.49 8.28 5.44
CA ILE A 133 -7.33 8.54 4.62
C ILE A 133 -7.69 9.65 3.63
N LEU A 134 -7.08 10.81 3.83
CA LEU A 134 -7.45 11.98 3.05
C LEU A 134 -6.48 12.24 1.89
N ILE A 135 -6.99 12.87 0.84
CA ILE A 135 -6.18 13.26 -0.31
C ILE A 135 -5.89 14.74 -0.23
N SER A 136 -4.62 15.10 -0.18
CA SER A 136 -4.23 16.50 -0.01
C SER A 136 -4.54 17.35 -1.23
N MET A 137 -4.69 18.65 -1.00
CA MET A 137 -4.66 19.60 -2.09
C MET A 137 -3.25 19.56 -2.68
N PRO A 138 -3.12 19.74 -4.00
CA PRO A 138 -1.80 19.72 -4.64
C PRO A 138 -0.87 20.78 -4.06
N ASN A 139 0.33 20.38 -3.63
CA ASN A 139 1.28 21.33 -3.09
C ASN A 139 1.87 22.22 -4.20
N ALA A 140 2.95 22.93 -3.89
CA ALA A 140 3.50 23.92 -4.81
C ALA A 140 4.20 23.27 -6.02
N HIS A 141 4.39 21.95 -5.95
CA HIS A 141 5.07 21.23 -7.02
C HIS A 141 4.09 20.39 -7.83
N GLY A 142 2.80 20.60 -7.61
CA GLY A 142 1.77 19.85 -8.29
C GLY A 142 1.67 18.41 -7.82
N LYS A 143 2.28 18.12 -6.67
CA LYS A 143 2.25 16.77 -6.09
C LYS A 143 1.11 16.62 -5.10
N ILE A 144 0.55 15.41 -5.04
CA ILE A 144 -0.55 15.11 -4.14
C ILE A 144 -0.17 13.94 -3.24
N LYS A 145 -0.62 13.96 -1.99
CA LYS A 145 -0.22 12.94 -1.02
C LYS A 145 -1.39 12.37 -0.23
N ALA A 146 -1.14 11.24 0.42
CA ALA A 146 -2.12 10.62 1.32
C ALA A 146 -1.95 11.16 2.73
N MET A 147 -3.05 11.37 3.43
CA MET A 147 -3.00 11.86 4.80
C MET A 147 -3.89 11.06 5.72
N ILE A 148 -3.30 10.47 6.75
CA ILE A 148 -4.08 9.81 7.79
C ILE A 148 -4.62 10.86 8.75
N SER A 149 -5.91 10.79 9.04
CA SER A 149 -6.57 11.79 9.87
C SER A 149 -7.44 11.15 10.95
N ASP A 150 -7.65 11.87 12.06
CA ASP A 150 -8.54 11.39 13.12
C ASP A 150 -9.98 11.35 12.62
N PHE A 151 -10.40 12.44 12.00
CA PHE A 151 -11.76 12.59 11.55
C PHE A 151 -11.93 12.06 10.14
N GLY A 152 -13.01 11.31 9.92
CA GLY A 152 -13.37 10.87 8.59
C GLY A 152 -14.36 11.86 7.99
N LEU A 153 -14.23 12.11 6.69
CA LEU A 153 -15.17 13.01 6.01
C LEU A 153 -16.22 12.19 5.26
N CYS A 154 -17.43 12.74 5.10
CA CYS A 154 -18.53 11.96 4.52
C CYS A 154 -19.41 12.71 3.52
N LYS A 155 -19.86 11.98 2.50
CA LYS A 155 -20.70 12.53 1.44
C LYS A 155 -21.89 13.32 1.97
N LYS A 156 -21.86 14.63 1.78
CA LYS A 156 -23.08 15.41 1.92
C LYS A 156 -23.60 15.66 0.51
N LEU A 157 -24.88 15.96 0.40
CA LEU A 157 -25.51 16.21 -0.89
C LEU A 157 -25.67 17.71 -1.15
N ALA A 158 -24.56 18.37 -1.47
CA ALA A 158 -24.54 19.77 -1.86
C ALA A 158 -23.19 20.14 -2.47
N VAL A 159 -22.88 21.44 -2.46
CA VAL A 159 -21.62 21.92 -3.01
C VAL A 159 -21.18 23.21 -2.31
N GLY A 160 -20.16 23.12 -1.46
CA GLY A 160 -19.46 21.87 -1.19
C GLY A 160 -19.41 21.54 0.29
N ARG A 161 -20.10 20.50 0.71
CA ARG A 161 -20.13 20.19 2.13
C ARG A 161 -19.69 18.77 2.48
N HIS A 162 -19.29 18.61 3.74
CA HIS A 162 -18.83 17.32 4.26
C HIS A 162 -19.20 17.12 5.72
N SER A 163 -19.48 15.88 6.08
CA SER A 163 -19.65 15.49 7.47
C SER A 163 -18.30 15.06 8.01
N PHE A 164 -18.00 15.42 9.26
CA PHE A 164 -16.76 14.93 9.88
C PHE A 164 -17.03 14.38 11.27
N SER A 165 -16.37 13.27 11.59
CA SER A 165 -16.54 12.61 12.86
C SER A 165 -15.31 11.77 13.19
N ARG A 166 -15.08 11.56 14.47
CA ARG A 166 -13.96 10.74 14.93
C ARG A 166 -14.47 9.41 15.46
N ARG A 167 -15.67 9.02 15.02
CA ARG A 167 -16.30 7.78 15.49
C ARG A 167 -16.61 6.80 14.36
N SER A 168 -16.37 5.51 14.62
CA SER A 168 -16.82 4.46 13.71
C SER A 168 -18.29 4.19 14.01
N GLY A 169 -19.01 3.61 13.05
CA GLY A 169 -20.46 3.68 13.08
C GLY A 169 -20.71 5.03 12.46
N VAL A 170 -21.87 5.64 12.70
CA VAL A 170 -22.20 6.96 12.15
C VAL A 170 -22.41 6.85 10.63
N PRO A 171 -23.41 7.58 10.12
CA PRO A 171 -23.78 7.51 8.71
C PRO A 171 -23.00 8.50 7.85
N GLY A 172 -22.40 8.02 6.76
CA GLY A 172 -22.42 6.60 6.41
C GLY A 172 -21.03 6.02 6.45
N THR A 173 -20.69 5.39 7.56
CA THR A 173 -19.36 4.83 7.78
C THR A 173 -19.48 3.31 7.95
N GLU A 174 -20.71 2.86 8.21
CA GLU A 174 -21.00 1.43 8.31
C GLU A 174 -20.42 0.66 7.13
N GLY A 175 -19.96 -0.55 7.40
CA GLY A 175 -19.21 -1.32 6.43
C GLY A 175 -17.75 -1.22 6.79
N TRP A 176 -17.41 -0.14 7.48
CA TRP A 176 -16.07 0.06 8.02
C TRP A 176 -16.15 0.33 9.52
N ILE A 177 -16.31 -0.74 10.29
CA ILE A 177 -16.44 -0.64 11.74
C ILE A 177 -15.13 -1.00 12.43
N ALA A 178 -14.81 -0.28 13.50
CA ALA A 178 -13.61 -0.53 14.29
C ALA A 178 -13.45 -2.02 14.61
N PRO A 179 -12.39 -2.64 14.08
CA PRO A 179 -12.12 -4.08 14.19
C PRO A 179 -11.92 -4.56 15.63
N GLU A 180 -11.84 -3.62 16.58
CA GLU A 180 -11.75 -4.02 17.98
C GLU A 180 -13.07 -4.67 18.45
N MET A 181 -14.20 -4.24 17.89
CA MET A 181 -15.45 -4.97 18.02
C MET A 181 -15.36 -6.27 17.25
N ASN A 189 -7.29 -1.26 25.21
CA ASN A 189 -6.16 -2.16 24.98
C ASN A 189 -5.89 -2.60 23.52
N PRO A 190 -6.25 -1.78 22.50
CA PRO A 190 -6.01 -2.35 21.17
C PRO A 190 -4.54 -2.26 20.73
N THR A 191 -4.05 -3.35 20.14
CA THR A 191 -2.68 -3.42 19.66
C THR A 191 -2.58 -2.86 18.24
N TYR A 192 -1.36 -2.84 17.71
CA TYR A 192 -1.12 -2.29 16.38
C TYR A 192 -1.70 -3.19 15.28
N THR A 193 -2.20 -4.35 15.67
CA THR A 193 -2.65 -5.35 14.70
C THR A 193 -4.07 -5.08 14.20
N VAL A 194 -4.80 -4.22 14.92
CA VAL A 194 -6.13 -3.84 14.47
C VAL A 194 -6.02 -2.86 13.31
N ASP A 195 -4.90 -2.14 13.26
CA ASP A 195 -4.65 -1.17 12.20
C ASP A 195 -4.20 -1.87 10.92
N ILE A 196 -3.28 -2.81 11.05
CA ILE A 196 -2.78 -3.56 9.91
C ILE A 196 -3.92 -4.31 9.22
N PHE A 197 -4.85 -4.81 10.03
CA PHE A 197 -6.04 -5.45 9.51
C PHE A 197 -6.89 -4.46 8.72
N SER A 198 -7.03 -3.25 9.27
CA SER A 198 -7.83 -2.22 8.64
C SER A 198 -7.23 -1.84 7.29
N ALA A 199 -5.94 -1.54 7.31
CA ALA A 199 -5.21 -1.18 6.11
C ALA A 199 -5.32 -2.30 5.08
N GLY A 200 -5.24 -3.54 5.56
CA GLY A 200 -5.38 -4.70 4.72
C GLY A 200 -6.63 -4.63 3.87
N CYS A 201 -7.72 -4.17 4.46
CA CYS A 201 -8.98 -4.03 3.73
C CYS A 201 -8.94 -2.83 2.80
N VAL A 202 -8.27 -1.77 3.24
CA VAL A 202 -8.12 -0.57 2.42
C VAL A 202 -7.31 -0.87 1.17
N PHE A 203 -6.23 -1.64 1.34
CA PHE A 203 -5.41 -2.07 0.21
C PHE A 203 -6.28 -2.73 -0.84
N TYR A 204 -7.07 -3.72 -0.44
CA TYR A 204 -7.97 -4.40 -1.35
C TYR A 204 -9.05 -3.45 -1.85
N TYR A 205 -9.48 -2.53 -0.98
CA TYR A 205 -10.49 -1.54 -1.37
C TYR A 205 -10.00 -0.68 -2.54
N VAL A 206 -8.72 -0.31 -2.49
CA VAL A 206 -8.12 0.49 -3.55
C VAL A 206 -7.86 -0.33 -4.81
N ILE A 207 -7.23 -1.48 -4.64
CA ILE A 207 -6.87 -2.34 -5.77
C ILE A 207 -8.10 -2.87 -6.51
N SER A 208 -9.14 -3.25 -5.76
CA SER A 208 -10.36 -3.77 -6.37
C SER A 208 -11.27 -2.65 -6.89
N GLU A 209 -10.78 -1.41 -6.77
CA GLU A 209 -11.53 -0.23 -7.15
C GLU A 209 -12.85 -0.07 -6.40
N GLY A 210 -12.89 -0.51 -5.14
CA GLY A 210 -14.03 -0.22 -4.28
C GLY A 210 -14.76 -1.39 -3.66
N SER A 211 -14.07 -2.52 -3.49
CA SER A 211 -14.67 -3.70 -2.86
C SER A 211 -13.96 -4.04 -1.54
N HIS A 212 -14.65 -4.79 -0.69
CA HIS A 212 -14.13 -5.12 0.64
C HIS A 212 -13.79 -6.61 0.70
N PRO A 213 -12.66 -6.96 1.34
CA PRO A 213 -12.20 -8.35 1.38
C PRO A 213 -13.20 -9.31 2.03
N PHE A 214 -14.12 -8.77 2.82
CA PHE A 214 -15.07 -9.62 3.55
C PHE A 214 -16.51 -9.41 3.06
N GLY A 215 -16.65 -8.97 1.82
CA GLY A 215 -17.94 -8.95 1.15
C GLY A 215 -18.77 -7.70 1.32
N LYS A 216 -20.03 -7.81 0.90
CA LYS A 216 -20.99 -6.71 0.96
C LYS A 216 -21.25 -6.25 2.39
N SER A 217 -21.64 -4.99 2.53
CA SER A 217 -21.69 -4.30 3.82
C SER A 217 -22.34 -5.07 4.96
N LEU A 218 -23.47 -5.70 4.69
CA LEU A 218 -24.27 -6.31 5.77
C LEU A 218 -23.65 -7.58 6.33
N GLN A 219 -22.78 -8.22 5.54
CA GLN A 219 -22.25 -9.53 5.93
C GLN A 219 -20.78 -9.47 6.35
N ARG A 220 -20.18 -8.29 6.27
CA ARG A 220 -18.75 -8.13 6.57
C ARG A 220 -18.41 -8.59 7.98
N GLN A 221 -19.17 -8.10 8.95
CA GLN A 221 -18.94 -8.42 10.35
C GLN A 221 -18.92 -9.93 10.56
N ALA A 222 -19.89 -10.60 9.97
CA ALA A 222 -20.01 -12.05 10.08
C ALA A 222 -18.81 -12.75 9.43
N ASN A 223 -18.45 -12.33 8.21
CA ASN A 223 -17.32 -12.89 7.50
C ASN A 223 -15.99 -12.63 8.19
N ILE A 224 -15.82 -11.41 8.73
CA ILE A 224 -14.58 -11.03 9.39
C ILE A 224 -14.28 -11.92 10.59
N LEU A 225 -15.30 -12.12 11.42
CA LEU A 225 -15.15 -12.86 12.67
C LEU A 225 -14.84 -14.35 12.43
N LEU A 226 -15.10 -14.80 11.20
CA LEU A 226 -14.82 -16.18 10.83
C LEU A 226 -13.65 -16.28 9.85
N GLY A 227 -13.07 -15.13 9.51
CA GLY A 227 -11.93 -15.08 8.61
C GLY A 227 -12.29 -15.44 7.17
N ALA A 228 -13.58 -15.33 6.86
CA ALA A 228 -14.08 -15.70 5.55
C ALA A 228 -13.88 -14.59 4.52
N CYS A 229 -12.66 -14.48 4.02
CA CYS A 229 -12.32 -13.43 3.06
C CYS A 229 -12.29 -13.97 1.64
N SER A 230 -12.41 -13.07 0.67
CA SER A 230 -12.42 -13.45 -0.74
C SER A 230 -11.82 -12.34 -1.58
N LEU A 231 -10.65 -12.61 -2.15
CA LEU A 231 -9.94 -11.62 -2.94
C LEU A 231 -10.17 -11.86 -4.43
N ASP A 232 -11.45 -11.89 -4.81
CA ASP A 232 -11.85 -12.32 -6.14
C ASP A 232 -11.36 -11.42 -7.27
N CYS A 233 -10.81 -10.26 -6.93
CA CYS A 233 -10.32 -9.35 -7.96
C CYS A 233 -8.87 -9.64 -8.30
N LEU A 234 -8.21 -10.40 -7.43
CA LEU A 234 -6.82 -10.77 -7.64
C LEU A 234 -6.70 -12.10 -8.40
N HIS A 235 -6.48 -12.00 -9.70
CA HIS A 235 -6.33 -13.14 -10.60
C HIS A 235 -5.19 -14.07 -10.14
N PRO A 236 -5.43 -15.38 -10.17
CA PRO A 236 -4.45 -16.36 -9.65
C PRO A 236 -3.19 -16.52 -10.50
N GLU A 237 -3.22 -16.06 -11.76
CA GLU A 237 -2.09 -16.24 -12.67
C GLU A 237 -1.54 -14.93 -13.24
N LYS A 238 -1.66 -13.85 -12.46
CA LYS A 238 -1.16 -12.54 -12.87
C LYS A 238 -0.22 -11.98 -11.80
N HIS A 239 1.05 -11.82 -12.18
CA HIS A 239 2.13 -11.48 -11.24
C HIS A 239 1.82 -10.36 -10.24
N GLU A 240 1.30 -9.24 -10.73
CA GLU A 240 1.00 -8.10 -9.87
C GLU A 240 -0.10 -8.45 -8.87
N ASP A 241 -1.08 -9.23 -9.32
CA ASP A 241 -2.18 -9.66 -8.46
C ASP A 241 -1.70 -10.70 -7.45
N VAL A 242 -0.84 -11.61 -7.89
CA VAL A 242 -0.31 -12.64 -7.01
C VAL A 242 0.49 -12.00 -5.87
N ILE A 243 1.32 -11.02 -6.22
CA ILE A 243 2.11 -10.30 -5.22
C ILE A 243 1.21 -9.55 -4.22
N ALA A 244 0.20 -8.86 -4.73
CA ALA A 244 -0.74 -8.15 -3.87
C ALA A 244 -1.47 -9.10 -2.92
N ARG A 245 -1.89 -10.24 -3.46
CA ARG A 245 -2.64 -11.23 -2.68
C ARG A 245 -1.83 -11.75 -1.50
N GLU A 246 -0.54 -11.99 -1.73
CA GLU A 246 0.33 -12.53 -0.70
C GLU A 246 0.36 -11.62 0.53
N LEU A 247 0.54 -10.33 0.29
CA LEU A 247 0.60 -9.34 1.35
C LEU A 247 -0.75 -9.14 2.04
N ILE A 248 -1.78 -8.89 1.25
CA ILE A 248 -3.09 -8.55 1.78
C ILE A 248 -3.64 -9.70 2.60
N GLU A 249 -3.42 -10.92 2.15
CA GLU A 249 -3.84 -12.09 2.91
C GLU A 249 -3.24 -12.07 4.31
N LYS A 250 -1.94 -11.81 4.40
CA LYS A 250 -1.26 -11.80 5.69
C LYS A 250 -1.68 -10.60 6.55
N MET A 251 -1.96 -9.47 5.90
CA MET A 251 -2.41 -8.28 6.62
C MET A 251 -3.76 -8.49 7.30
N ILE A 252 -4.67 -9.17 6.62
CA ILE A 252 -6.01 -9.42 7.17
C ILE A 252 -6.15 -10.80 7.79
N ALA A 253 -5.02 -11.40 8.19
CA ALA A 253 -5.01 -12.71 8.80
C ALA A 253 -5.95 -12.79 10.00
N MET A 254 -6.75 -13.86 10.05
CA MET A 254 -7.70 -14.07 11.13
C MET A 254 -7.01 -14.00 12.49
N ASP A 255 -5.84 -14.64 12.57
CA ASP A 255 -5.00 -14.59 13.75
C ASP A 255 -4.12 -13.34 13.70
N PRO A 256 -4.33 -12.41 14.64
CA PRO A 256 -3.61 -11.13 14.73
C PRO A 256 -2.09 -11.30 14.74
N GLN A 257 -1.61 -12.40 15.31
CA GLN A 257 -0.19 -12.62 15.48
C GLN A 257 0.47 -13.18 14.23
N LYS A 258 -0.32 -13.36 13.17
CA LYS A 258 0.23 -13.72 11.87
C LYS A 258 0.33 -12.48 10.99
N ARG A 259 -0.12 -11.35 11.53
CA ARG A 259 -0.09 -10.07 10.81
C ARG A 259 1.27 -9.38 10.97
N PRO A 260 1.80 -8.86 9.85
CA PRO A 260 3.08 -8.16 9.81
C PRO A 260 2.96 -6.72 10.29
N SER A 261 4.01 -6.22 10.95
CA SER A 261 4.03 -4.82 11.38
C SER A 261 4.01 -3.90 10.16
N ALA A 262 3.69 -2.63 10.40
CA ALA A 262 3.61 -1.66 9.32
C ALA A 262 4.93 -1.56 8.56
N LYS A 263 6.04 -1.74 9.27
CA LYS A 263 7.35 -1.71 8.64
C LYS A 263 7.56 -2.90 7.70
N HIS A 264 7.09 -4.07 8.12
CA HIS A 264 7.10 -5.26 7.26
C HIS A 264 6.40 -4.96 5.94
N VAL A 265 5.17 -4.48 6.04
CA VAL A 265 4.35 -4.15 4.88
C VAL A 265 5.10 -3.26 3.88
N LEU A 266 5.89 -2.32 4.42
CA LEU A 266 6.69 -1.42 3.58
C LEU A 266 7.79 -2.16 2.83
N LYS A 267 8.23 -3.29 3.39
CA LYS A 267 9.30 -4.08 2.79
C LYS A 267 8.79 -5.06 1.73
N HIS A 268 7.48 -5.20 1.62
CA HIS A 268 6.88 -6.17 0.71
C HIS A 268 7.13 -5.82 -0.74
N PRO A 269 7.33 -6.84 -1.59
CA PRO A 269 7.52 -6.70 -3.04
C PRO A 269 6.39 -5.95 -3.74
N PHE A 270 5.27 -5.79 -3.03
CA PHE A 270 4.14 -5.04 -3.52
C PHE A 270 4.53 -3.62 -3.89
N PHE A 271 5.55 -3.09 -3.21
CA PHE A 271 5.98 -1.70 -3.38
C PHE A 271 7.27 -1.57 -4.18
N TRP A 272 7.88 -2.70 -4.52
CA TRP A 272 9.14 -2.68 -5.26
C TRP A 272 8.98 -2.14 -6.67
N SER A 273 9.99 -1.39 -7.12
CA SER A 273 10.08 -0.99 -8.50
C SER A 273 10.54 -2.18 -9.32
N LEU A 274 10.29 -2.15 -10.63
CA LEU A 274 10.73 -3.21 -11.52
C LEU A 274 12.23 -3.47 -11.38
N GLU A 275 12.98 -2.42 -11.11
CA GLU A 275 14.42 -2.54 -10.89
C GLU A 275 14.74 -3.31 -9.62
N LYS A 276 14.06 -2.95 -8.53
CA LYS A 276 14.28 -3.63 -7.25
C LYS A 276 13.88 -5.09 -7.35
N GLN A 277 12.81 -5.35 -8.09
CA GLN A 277 12.37 -6.73 -8.33
C GLN A 277 13.49 -7.52 -8.98
N LEU A 278 13.96 -7.05 -10.14
CA LEU A 278 15.03 -7.73 -10.86
C LEU A 278 16.28 -7.89 -10.02
N GLN A 279 16.56 -6.88 -9.19
CA GLN A 279 17.74 -6.91 -8.34
C GLN A 279 17.61 -8.00 -7.29
N PHE A 280 16.41 -8.18 -6.76
CA PHE A 280 16.15 -9.28 -5.83
C PHE A 280 16.46 -10.61 -6.48
N PHE A 281 15.81 -10.85 -7.62
CA PHE A 281 16.06 -12.02 -8.46
C PHE A 281 17.53 -12.31 -8.65
N GLN A 282 18.31 -11.28 -8.98
CA GLN A 282 19.74 -11.45 -9.20
C GLN A 282 20.47 -11.74 -7.90
N ASP A 283 19.94 -11.20 -6.81
CA ASP A 283 20.56 -11.36 -5.50
C ASP A 283 20.47 -12.79 -5.00
N VAL A 284 19.28 -13.37 -5.03
CA VAL A 284 19.13 -14.75 -4.55
C VAL A 284 19.86 -15.69 -5.51
N SER A 285 19.89 -15.33 -6.79
CA SER A 285 20.64 -16.11 -7.77
C SER A 285 22.10 -16.20 -7.37
N ASP A 286 22.72 -15.04 -7.13
CA ASP A 286 24.12 -14.98 -6.72
C ASP A 286 24.34 -15.73 -5.41
N ARG A 287 23.37 -15.61 -4.51
CA ARG A 287 23.42 -16.25 -3.20
C ARG A 287 23.46 -17.77 -3.29
N ILE A 288 22.96 -18.30 -4.40
CA ILE A 288 22.73 -19.74 -4.54
C ILE A 288 23.86 -20.52 -5.22
N GLU A 289 24.36 -20.02 -6.34
CA GLU A 289 25.21 -20.81 -7.24
C GLU A 289 26.38 -21.56 -6.60
N LYS A 290 26.61 -21.32 -5.30
CA LYS A 290 27.62 -22.08 -4.55
C LYS A 290 26.96 -22.97 -3.49
N GLU A 291 25.63 -22.95 -3.43
CA GLU A 291 24.89 -23.80 -2.50
C GLU A 291 24.90 -25.25 -2.99
N SER A 292 24.31 -26.15 -2.20
CA SER A 292 24.58 -27.58 -2.35
C SER A 292 23.55 -28.42 -3.12
N LEU A 293 22.38 -27.84 -3.39
CA LEU A 293 21.25 -28.55 -4.02
C LEU A 293 20.61 -29.59 -3.09
N ASP A 294 21.31 -29.97 -2.02
CA ASP A 294 20.75 -30.87 -1.03
C ASP A 294 20.30 -30.09 0.19
N GLY A 295 20.94 -28.94 0.40
CA GLY A 295 20.72 -28.13 1.58
C GLY A 295 19.33 -27.53 1.70
N PRO A 296 19.06 -26.88 2.84
CA PRO A 296 17.73 -26.29 3.11
C PRO A 296 17.37 -25.20 2.11
N ILE A 297 18.31 -24.30 1.82
CA ILE A 297 18.02 -23.10 1.05
C ILE A 297 17.47 -23.43 -0.34
N VAL A 298 18.20 -24.27 -1.08
CA VAL A 298 17.81 -24.62 -2.45
C VAL A 298 16.61 -25.55 -2.48
N LYS A 299 16.55 -26.50 -1.55
CA LYS A 299 15.43 -27.44 -1.47
C LYS A 299 14.12 -26.72 -1.15
N GLN A 300 14.17 -25.78 -0.22
CA GLN A 300 13.00 -24.97 0.12
C GLN A 300 12.53 -24.14 -1.07
N LEU A 301 13.48 -23.80 -1.95
CA LEU A 301 13.18 -23.01 -3.12
C LEU A 301 12.55 -23.86 -4.22
N GLU A 302 12.87 -25.15 -4.23
CA GLU A 302 12.39 -26.03 -5.28
C GLU A 302 11.06 -26.70 -4.93
N ARG A 303 10.74 -26.75 -3.64
CA ARG A 303 9.48 -27.35 -3.21
C ARG A 303 8.28 -26.57 -3.74
N GLY A 304 7.48 -27.23 -4.59
CA GLY A 304 6.31 -26.61 -5.18
C GLY A 304 6.64 -25.74 -6.38
N GLY A 305 7.85 -25.90 -6.92
CA GLY A 305 8.33 -25.01 -7.97
C GLY A 305 8.08 -25.46 -9.40
N ARG A 306 7.33 -26.53 -9.59
CA ARG A 306 7.08 -27.03 -10.94
C ARG A 306 5.92 -26.27 -11.58
N ALA A 307 4.92 -25.91 -10.76
CA ALA A 307 3.82 -25.08 -11.23
C ALA A 307 4.30 -23.67 -11.56
N VAL A 308 5.28 -23.21 -10.77
CA VAL A 308 5.84 -21.88 -10.91
C VAL A 308 6.65 -21.74 -12.19
N VAL A 309 7.46 -22.76 -12.45
CA VAL A 309 8.34 -22.80 -13.60
C VAL A 309 7.55 -23.25 -14.83
N LYS A 310 6.35 -23.76 -14.57
CA LYS A 310 5.49 -24.36 -15.60
C LYS A 310 6.13 -25.63 -16.16
N MET A 311 6.48 -26.54 -15.26
CA MET A 311 7.09 -27.83 -15.59
C MET A 311 8.42 -27.66 -16.31
N ASP A 312 8.37 -27.06 -17.49
CA ASP A 312 9.58 -26.72 -18.24
C ASP A 312 9.51 -25.24 -18.64
N TRP A 313 10.41 -24.43 -18.11
CA TRP A 313 10.35 -23.00 -18.38
C TRP A 313 10.98 -22.67 -19.73
N ARG A 314 11.75 -23.60 -20.28
CA ARG A 314 12.28 -23.45 -21.63
C ARG A 314 11.15 -23.65 -22.63
N GLU A 315 10.11 -24.37 -22.19
CA GLU A 315 8.92 -24.57 -22.98
C GLU A 315 8.05 -23.32 -22.99
N ASN A 316 8.34 -22.39 -22.10
CA ASN A 316 7.45 -21.26 -21.85
C ASN A 316 8.06 -19.88 -22.02
N ILE A 317 9.30 -19.83 -22.50
CA ILE A 317 9.91 -18.56 -22.88
C ILE A 317 9.92 -18.41 -24.39
N THR A 318 10.19 -17.21 -24.89
CA THR A 318 10.13 -16.95 -26.33
C THR A 318 11.24 -17.68 -27.07
N VAL A 319 10.94 -18.07 -28.30
CA VAL A 319 11.82 -18.89 -29.13
C VAL A 319 13.26 -18.35 -29.28
N PRO A 320 13.42 -17.04 -29.55
CA PRO A 320 14.81 -16.56 -29.71
C PRO A 320 15.67 -16.71 -28.45
N LEU A 321 15.06 -16.88 -27.27
CA LEU A 321 15.83 -16.96 -26.03
C LEU A 321 16.32 -18.37 -25.72
N GLN A 322 15.47 -19.37 -25.95
CA GLN A 322 15.87 -20.74 -25.67
C GLN A 322 16.91 -21.21 -26.66
N THR A 323 16.98 -20.54 -27.81
CA THR A 323 18.02 -20.82 -28.80
C THR A 323 19.38 -20.39 -28.27
N ASP A 324 19.39 -19.27 -27.56
CA ASP A 324 20.63 -18.72 -27.01
C ASP A 324 21.12 -19.50 -25.79
N LEU A 325 20.21 -20.22 -25.14
CA LEU A 325 20.56 -21.05 -24.00
C LEU A 325 21.14 -22.39 -24.41
N ARG A 326 20.84 -22.81 -25.64
CA ARG A 326 21.21 -24.12 -26.15
C ARG A 326 22.70 -24.43 -26.00
N ARG A 329 24.43 -23.96 -22.73
CA ARG A 329 24.35 -24.21 -21.30
C ARG A 329 23.34 -25.29 -20.98
N THR A 330 23.48 -25.92 -19.82
CA THR A 330 22.56 -26.98 -19.41
C THR A 330 21.78 -26.57 -18.16
N TYR A 331 20.66 -25.90 -18.38
CA TYR A 331 19.78 -25.51 -17.28
C TYR A 331 18.65 -26.52 -17.14
N LYS A 332 18.46 -27.02 -15.93
CA LYS A 332 17.36 -27.95 -15.66
C LYS A 332 16.02 -27.25 -15.85
N GLY A 333 15.23 -27.75 -16.80
CA GLY A 333 14.00 -27.10 -17.21
C GLY A 333 12.92 -27.01 -16.15
N GLY A 334 13.08 -27.79 -15.08
CA GLY A 334 12.10 -27.77 -14.01
C GLY A 334 12.62 -27.12 -12.74
N SER A 335 13.86 -26.64 -12.80
CA SER A 335 14.50 -26.04 -11.63
C SER A 335 14.29 -24.54 -11.55
N VAL A 336 13.76 -24.08 -10.42
CA VAL A 336 13.61 -22.65 -10.18
C VAL A 336 14.97 -21.97 -10.08
N ARG A 337 15.88 -22.61 -9.37
CA ARG A 337 17.25 -22.10 -9.24
C ARG A 337 17.87 -21.80 -10.58
N ASP A 338 17.78 -22.76 -11.50
CA ASP A 338 18.39 -22.60 -12.83
C ASP A 338 17.72 -21.48 -13.62
N LEU A 339 16.40 -21.35 -13.50
CA LEU A 339 15.69 -20.25 -14.12
C LEU A 339 16.26 -18.93 -13.63
N LEU A 340 16.35 -18.78 -12.31
CA LEU A 340 16.94 -17.58 -11.71
C LEU A 340 18.39 -17.41 -12.14
N ARG A 341 19.12 -18.52 -12.26
CA ARG A 341 20.50 -18.46 -12.69
C ARG A 341 20.59 -17.97 -14.14
N ALA A 342 19.65 -18.42 -14.97
CA ALA A 342 19.62 -18.02 -16.37
C ALA A 342 19.29 -16.54 -16.49
N MET A 343 18.30 -16.09 -15.72
CA MET A 343 17.94 -14.68 -15.72
C MET A 343 19.12 -13.81 -15.34
N ARG A 344 19.96 -14.32 -14.44
CA ARG A 344 21.14 -13.60 -13.98
C ARG A 344 22.17 -13.45 -15.09
N ASN A 345 22.50 -14.56 -15.76
CA ASN A 345 23.52 -14.56 -16.80
C ASN A 345 23.22 -13.61 -17.95
N LYS A 346 21.99 -13.66 -18.45
CA LYS A 346 21.60 -12.85 -19.59
C LYS A 346 21.38 -11.40 -19.18
N LYS A 347 21.54 -11.11 -17.90
CA LYS A 347 21.55 -9.75 -17.39
C LYS A 347 22.98 -9.29 -17.20
N HIS A 348 23.83 -10.22 -16.75
CA HIS A 348 25.25 -9.95 -16.58
C HIS A 348 25.97 -9.86 -17.92
N HIS A 349 25.41 -10.54 -18.93
CA HIS A 349 25.98 -10.53 -20.27
C HIS A 349 25.05 -9.82 -21.25
N TYR A 350 24.18 -8.95 -20.74
CA TYR A 350 23.16 -8.30 -21.58
C TYR A 350 23.76 -7.48 -22.72
N ARG A 351 25.00 -7.03 -22.55
CA ARG A 351 25.67 -6.30 -23.61
C ARG A 351 26.27 -7.24 -24.66
N GLU A 352 26.70 -8.42 -24.21
CA GLU A 352 27.38 -9.38 -25.08
C GLU A 352 26.40 -10.29 -25.82
N LEU A 353 25.11 -10.02 -25.62
CA LEU A 353 24.08 -10.85 -26.23
C LEU A 353 23.81 -10.45 -27.68
N PRO A 354 23.42 -11.43 -28.51
CA PRO A 354 22.96 -11.16 -29.87
C PRO A 354 21.81 -10.16 -29.87
N ALA A 355 21.75 -9.30 -30.88
CA ALA A 355 20.71 -8.26 -30.92
C ALA A 355 19.30 -8.86 -30.98
N GLU A 356 19.22 -10.13 -31.38
CA GLU A 356 17.94 -10.81 -31.50
C GLU A 356 17.34 -11.12 -30.13
N VAL A 357 18.20 -11.36 -29.14
CA VAL A 357 17.72 -11.77 -27.83
C VAL A 357 17.67 -10.59 -26.87
N ARG A 358 18.20 -9.46 -27.29
CA ARG A 358 18.10 -8.24 -26.51
C ARG A 358 16.76 -7.57 -26.77
N GLU A 359 16.24 -7.72 -27.99
CA GLU A 359 14.96 -7.11 -28.33
C GLU A 359 13.80 -8.03 -27.98
N THR A 360 14.08 -9.30 -27.69
CA THR A 360 13.02 -10.18 -27.21
C THR A 360 12.95 -10.04 -25.68
N LEU A 361 14.10 -9.82 -25.05
CA LEU A 361 14.15 -9.58 -23.62
C LEU A 361 13.72 -8.15 -23.30
N GLY A 362 13.94 -7.26 -24.25
CA GLY A 362 13.60 -5.86 -24.08
C GLY A 362 14.65 -5.12 -23.29
N SER A 363 14.33 -3.89 -22.91
CA SER A 363 15.26 -3.04 -22.17
C SER A 363 15.56 -3.60 -20.80
N LEU A 364 16.55 -3.00 -20.15
CA LEU A 364 16.95 -3.39 -18.80
C LEU A 364 16.75 -2.19 -17.86
N PRO A 365 16.09 -2.42 -16.72
CA PRO A 365 15.55 -3.70 -16.26
C PRO A 365 14.07 -3.91 -16.56
N ASP A 366 13.34 -2.85 -16.88
CA ASP A 366 11.88 -2.90 -16.93
C ASP A 366 11.34 -4.01 -17.84
N ASP A 367 11.64 -3.92 -19.13
CA ASP A 367 11.18 -4.92 -20.09
C ASP A 367 11.75 -6.30 -19.77
N PHE A 368 12.96 -6.31 -19.23
CA PHE A 368 13.69 -7.55 -18.92
C PHE A 368 13.01 -8.35 -17.82
N VAL A 369 12.65 -7.69 -16.72
CA VAL A 369 12.06 -8.40 -15.60
C VAL A 369 10.61 -8.75 -15.89
N CYS A 370 9.97 -7.97 -16.75
CA CYS A 370 8.59 -8.24 -17.12
C CYS A 370 8.54 -9.40 -18.10
N TYR A 371 9.66 -9.65 -18.78
CA TYR A 371 9.78 -10.76 -19.70
C TYR A 371 9.49 -12.07 -19.00
N PHE A 372 9.87 -12.15 -17.73
CA PHE A 372 9.70 -13.37 -16.96
C PHE A 372 8.45 -13.35 -16.09
N THR A 373 8.26 -12.28 -15.30
CA THR A 373 7.17 -12.22 -14.35
C THR A 373 5.79 -12.31 -15.03
N SER A 374 5.71 -11.89 -16.28
CA SER A 374 4.47 -12.00 -17.03
C SER A 374 4.21 -13.45 -17.41
N ARG A 375 5.29 -14.19 -17.62
CA ARG A 375 5.18 -15.59 -18.01
C ARG A 375 5.19 -16.52 -16.80
N PHE A 376 5.90 -16.12 -15.76
CA PHE A 376 5.98 -16.90 -14.54
C PHE A 376 5.44 -16.09 -13.37
N PRO A 377 4.10 -16.03 -13.27
CA PRO A 377 3.39 -15.11 -12.37
C PRO A 377 3.72 -15.38 -10.91
N HIS A 378 4.21 -16.57 -10.61
CA HIS A 378 4.41 -16.99 -9.22
C HIS A 378 5.88 -17.02 -8.82
N LEU A 379 6.78 -16.67 -9.74
CA LEU A 379 8.21 -16.76 -9.48
C LEU A 379 8.68 -15.87 -8.33
N LEU A 380 8.29 -14.61 -8.35
CA LEU A 380 8.72 -13.67 -7.32
C LEU A 380 8.18 -14.07 -5.95
N ALA A 381 6.86 -14.23 -5.86
CA ALA A 381 6.21 -14.63 -4.61
C ALA A 381 6.74 -15.95 -4.09
N HIS A 382 7.01 -16.89 -4.98
CA HIS A 382 7.59 -18.18 -4.57
C HIS A 382 8.97 -17.97 -3.98
N THR A 383 9.84 -17.33 -4.76
CA THR A 383 11.21 -17.06 -4.34
C THR A 383 11.27 -16.19 -3.09
N TYR A 384 10.34 -15.25 -2.96
CA TYR A 384 10.32 -14.36 -1.81
C TYR A 384 10.13 -15.12 -0.49
N ARG A 385 9.03 -15.87 -0.40
CA ARG A 385 8.73 -16.62 0.81
C ARG A 385 9.76 -17.71 1.05
N ALA A 386 10.31 -18.27 -0.03
CA ALA A 386 11.29 -19.34 0.09
C ALA A 386 12.60 -18.80 0.68
N MET A 387 13.00 -17.60 0.27
CA MET A 387 14.27 -17.03 0.69
C MET A 387 14.18 -16.30 2.03
N GLU A 388 13.16 -16.60 2.81
CA GLU A 388 13.05 -16.08 4.17
C GLU A 388 14.12 -16.71 5.07
N LEU A 389 14.70 -17.81 4.59
CA LEU A 389 15.78 -18.49 5.29
C LEU A 389 17.06 -17.65 5.32
N CYS A 390 17.07 -16.58 4.53
CA CYS A 390 18.22 -15.68 4.45
C CYS A 390 17.81 -14.25 4.74
N SER A 391 16.63 -14.07 5.31
CA SER A 391 16.11 -12.75 5.64
C SER A 391 17.04 -12.01 6.60
N HIS A 392 17.76 -12.77 7.42
CA HIS A 392 18.64 -12.23 8.43
C HIS A 392 19.99 -11.78 7.85
N GLU A 393 20.16 -11.97 6.54
CA GLU A 393 21.45 -11.67 5.92
C GLU A 393 21.51 -10.25 5.38
N ARG A 394 22.73 -9.72 5.28
CA ARG A 394 22.94 -8.33 4.85
C ARG A 394 22.62 -8.14 3.38
N LEU A 395 22.83 -9.19 2.58
CA LEU A 395 22.50 -9.18 1.16
C LEU A 395 21.01 -8.88 0.93
N PHE A 396 20.17 -9.44 1.78
CA PHE A 396 18.72 -9.34 1.60
C PHE A 396 18.08 -8.35 2.57
N GLN A 397 18.86 -7.37 3.02
CA GLN A 397 18.37 -6.31 3.89
C GLN A 397 17.27 -5.44 3.25
N PRO A 398 17.41 -5.06 1.96
CA PRO A 398 16.33 -4.23 1.39
C PRO A 398 15.03 -4.99 1.13
N TYR A 399 15.06 -6.32 1.22
CA TYR A 399 13.92 -7.13 0.81
C TYR A 399 13.13 -7.71 1.99
N TYR A 400 13.74 -7.74 3.17
CA TYR A 400 13.08 -8.26 4.36
C TYR A 400 13.25 -7.33 5.56
N PHE A 401 12.28 -7.35 6.46
CA PHE A 401 12.35 -6.53 7.67
C PHE A 401 12.79 -7.35 8.88
N HIS A 402 13.51 -6.70 9.79
CA HIS A 402 14.09 -7.36 10.95
C HIS A 402 13.09 -7.44 12.11
#